data_8I0G
#
_entry.id   8I0G
#
_cell.length_a   77.098
_cell.length_b   84.038
_cell.length_c   62.779
_cell.angle_alpha   90.00
_cell.angle_beta   100.57
_cell.angle_gamma   90.00
#
_symmetry.space_group_name_H-M   'C 1 2 1'
#
loop_
_entity.id
_entity.type
_entity.pdbx_description
1 polymer '4-hydroxyphenylpyruvate dioxygenase'
2 non-polymer 'COBALT (II) ION'
3 non-polymer 3-[(4-fluorophenyl)methyl]-5-methyl-6-[(2-methyl-3-oxidanylidene-1H-pyrazol-4-yl)carbonyl]-1,2,3-benzotriazin-4-one
4 water water
#
_entity_poly.entity_id   1
_entity_poly.type   'polypeptide(L)'
_entity_poly.pdbx_seq_one_letter_code
;GSHMVRKNPKSDKFKVKRFHHIEFWCGDATNVARRFSWGLGMRFSAKSDLSTGNMVHASYLLTSGDLRFLFTAPYSPSLS
AGEIKPTTTASIPSFDHGSCRSFFSSHGLGVRAVAIEVEDAESAFSISVANGAIPSSPPIVLNEAVTIAEVKLYGDVVLR
YVSYKAEDTEKSEFLPGFERVEDASSFPLDYGIRRLDHAVGNVPELGPALTYVAGFTGFHQFAEFTADDVGTAESGLNSA
VLASNDEMVLLPINEPVHGTKRKSQIQTYLEHNEGAGLQHLALMSEDIFRTLREMRKRSSIGGFDFMPSPPPTYYQNLKK
RVGDVLSDDQIKECEELGILVDRDDQGTLLQIFTKPLGDRPTIFIEIIQRVGCMMKDEEGKAYQSGGCGGFGKGNFSELF
KSIEEYEKTLEAKQLVG
;
_entity_poly.pdbx_strand_id   A
#
loop_
_chem_comp.id
_chem_comp.type
_chem_comp.name
_chem_comp.formula
CO non-polymer 'COBALT (II) ION' 'Co 2'
O6R non-polymer 3-[(4-fluorophenyl)methyl]-5-methyl-6-[(2-methyl-3-oxidanylidene-1H-pyrazol-4-yl)carbonyl]-1,2,3-benzotriazin-4-one 'C20 H16 F N5 O3'
#
# COMPACT_ATOMS: atom_id res chain seq x y z
N LYS A 7 -11.70 -17.34 13.10
CA LYS A 7 -12.81 -16.63 13.73
C LYS A 7 -12.87 -15.18 13.24
N ASN A 8 -14.06 -14.78 12.79
CA ASN A 8 -14.28 -13.43 12.27
C ASN A 8 -15.53 -12.86 12.94
N PRO A 9 -15.36 -12.03 13.98
CA PRO A 9 -16.53 -11.48 14.70
C PRO A 9 -17.31 -10.43 13.93
N LYS A 10 -16.80 -9.97 12.78
CA LYS A 10 -17.47 -8.95 11.95
C LYS A 10 -17.90 -7.74 12.78
N SER A 11 -16.91 -7.15 13.46
CA SER A 11 -17.18 -6.09 14.43
C SER A 11 -16.93 -4.69 13.89
N ASP A 12 -16.79 -4.51 12.56
CA ASP A 12 -16.60 -3.16 12.01
C ASP A 12 -17.62 -2.19 12.62
N LYS A 13 -17.13 -1.02 13.05
CA LYS A 13 -18.02 -0.06 13.67
C LYS A 13 -18.74 0.81 12.64
N PHE A 14 -18.36 0.71 11.37
CA PHE A 14 -19.05 1.39 10.28
C PHE A 14 -18.84 0.56 9.02
N LYS A 15 -19.63 0.81 7.99
CA LYS A 15 -19.61 -0.01 6.78
C LYS A 15 -18.41 0.38 5.91
N VAL A 16 -17.51 -0.58 5.69
CA VAL A 16 -16.29 -0.40 4.92
C VAL A 16 -16.41 -1.19 3.63
N LYS A 17 -16.01 -0.59 2.51
CA LYS A 17 -16.11 -1.27 1.23
C LYS A 17 -14.75 -1.82 0.81
N ARG A 18 -13.96 -1.03 0.08
CA ARG A 18 -12.67 -1.52 -0.42
C ARG A 18 -11.62 -0.44 -0.25
N PHE A 19 -10.35 -0.85 -0.35
CA PHE A 19 -9.28 0.11 -0.54
C PHE A 19 -9.66 0.99 -1.72
N HIS A 20 -9.53 2.29 -1.55
CA HIS A 20 -9.85 3.24 -2.62
C HIS A 20 -8.61 3.79 -3.32
N HIS A 21 -7.63 4.29 -2.56
CA HIS A 21 -6.41 4.79 -3.18
C HIS A 21 -5.32 4.92 -2.11
N ILE A 22 -4.10 5.08 -2.60
CA ILE A 22 -2.93 5.34 -1.76
C ILE A 22 -2.36 6.68 -2.23
N GLU A 23 -2.09 7.59 -1.29
CA GLU A 23 -1.52 8.87 -1.67
C GLU A 23 -0.10 9.01 -1.14
N PHE A 24 0.83 9.24 -2.05
CA PHE A 24 2.22 9.54 -1.75
C PHE A 24 2.39 11.06 -1.64
N TRP A 25 3.10 11.50 -0.61
CA TRP A 25 3.49 12.89 -0.50
C TRP A 25 4.93 13.01 -0.97
N CYS A 26 5.14 13.91 -1.95
CA CYS A 26 6.35 13.99 -2.77
C CYS A 26 6.90 15.41 -2.70
N GLY A 27 8.13 15.58 -3.15
CA GLY A 27 8.58 16.94 -3.36
C GLY A 27 8.33 17.41 -4.78
N ASP A 28 8.44 16.50 -5.73
CA ASP A 28 8.02 16.74 -7.10
C ASP A 28 7.11 15.58 -7.50
N ALA A 29 5.82 15.87 -7.68
CA ALA A 29 4.90 14.78 -8.00
C ALA A 29 5.11 14.28 -9.42
N THR A 30 5.49 15.16 -10.35
CA THR A 30 5.64 14.78 -11.75
C THR A 30 6.64 13.64 -11.92
N ASN A 31 7.84 13.80 -11.36
CA ASN A 31 8.90 12.82 -11.61
C ASN A 31 8.61 11.49 -10.94
N VAL A 32 8.08 11.51 -9.71
CA VAL A 32 7.72 10.26 -9.06
C VAL A 32 6.63 9.54 -9.84
N ALA A 33 5.57 10.27 -10.22
CA ALA A 33 4.47 9.63 -10.96
C ALA A 33 4.95 9.04 -12.27
N ARG A 34 5.79 9.77 -13.02
CA ARG A 34 6.26 9.23 -14.31
C ARG A 34 7.12 7.98 -14.10
N ARG A 35 7.97 7.98 -13.08
CA ARG A 35 8.77 6.79 -12.78
C ARG A 35 7.89 5.62 -12.39
N PHE A 36 6.94 5.84 -11.49
CA PHE A 36 6.04 4.76 -11.06
C PHE A 36 5.22 4.24 -12.23
N SER A 37 4.77 5.15 -13.11
CA SER A 37 3.93 4.74 -14.24
C SER A 37 4.65 3.73 -15.12
N TRP A 38 5.88 4.07 -15.51
CA TRP A 38 6.69 3.18 -16.34
C TRP A 38 7.09 1.91 -15.59
N GLY A 39 7.48 2.05 -14.32
CA GLY A 39 7.99 0.91 -13.58
C GLY A 39 6.93 -0.14 -13.25
N LEU A 40 5.69 0.29 -13.05
CA LEU A 40 4.61 -0.58 -12.61
C LEU A 40 3.53 -0.81 -13.66
N GLY A 41 3.60 -0.09 -14.78
CA GLY A 41 2.63 -0.20 -15.84
C GLY A 41 1.28 0.32 -15.41
N MET A 42 1.26 1.55 -14.92
CA MET A 42 0.04 2.20 -14.50
C MET A 42 -0.20 3.41 -15.37
N ARG A 43 -1.44 3.62 -15.75
CA ARG A 43 -1.81 4.67 -16.68
C ARG A 43 -2.05 5.98 -15.94
N PHE A 44 -1.65 7.10 -16.57
CA PHE A 44 -2.03 8.43 -16.08
C PHE A 44 -3.51 8.65 -16.35
N SER A 45 -4.32 8.81 -15.30
CA SER A 45 -5.76 8.86 -15.51
C SER A 45 -6.46 10.12 -15.01
N ALA A 46 -5.90 10.85 -14.05
CA ALA A 46 -6.50 12.13 -13.68
C ALA A 46 -5.43 13.05 -13.14
N LYS A 47 -5.72 14.35 -13.13
CA LYS A 47 -4.82 15.35 -12.60
C LYS A 47 -5.59 16.47 -11.93
N SER A 48 -4.95 17.10 -10.95
CA SER A 48 -5.40 18.33 -10.34
C SER A 48 -4.14 19.16 -10.11
N ASP A 49 -4.01 20.27 -10.84
CA ASP A 49 -2.78 21.04 -10.79
C ASP A 49 -3.05 22.43 -11.34
N LEU A 50 -1.98 23.17 -11.63
CA LEU A 50 -2.16 24.52 -12.17
C LEU A 50 -3.09 24.54 -13.38
N SER A 51 -2.96 23.56 -14.27
CA SER A 51 -3.80 23.55 -15.45
C SER A 51 -5.28 23.31 -15.16
N THR A 52 -5.62 22.83 -13.96
CA THR A 52 -7.03 22.68 -13.59
C THR A 52 -7.47 23.71 -12.58
N GLY A 53 -6.68 24.77 -12.35
CA GLY A 53 -7.07 25.79 -11.41
C GLY A 53 -6.58 25.58 -9.99
N ASN A 54 -5.83 24.53 -9.71
CA ASN A 54 -5.34 24.26 -8.37
C ASN A 54 -4.03 25.00 -8.17
N MET A 55 -4.07 26.07 -7.37
CA MET A 55 -2.91 26.90 -7.05
C MET A 55 -2.16 26.42 -5.82
N VAL A 56 -2.59 25.31 -5.24
CA VAL A 56 -2.11 24.85 -3.95
C VAL A 56 -1.20 23.64 -4.09
N HIS A 57 -1.68 22.60 -4.75
CA HIS A 57 -0.91 21.37 -4.88
C HIS A 57 -1.05 20.78 -6.27
N ALA A 58 -0.02 20.06 -6.68
CA ALA A 58 -0.03 19.25 -7.88
C ALA A 58 -0.31 17.81 -7.48
N SER A 59 -1.36 17.20 -8.07
CA SER A 59 -1.76 15.84 -7.75
C SER A 59 -2.00 15.07 -9.03
N TYR A 60 -1.34 13.92 -9.17
CA TYR A 60 -1.45 13.10 -10.36
C TYR A 60 -1.83 11.69 -9.97
N LEU A 61 -2.83 11.14 -10.64
CA LEU A 61 -3.39 9.84 -10.31
C LEU A 61 -2.99 8.82 -11.36
N LEU A 62 -2.41 7.70 -10.91
CA LEU A 62 -2.12 6.55 -11.76
C LEU A 62 -3.11 5.44 -11.42
N THR A 63 -3.53 4.69 -12.43
CA THR A 63 -4.44 3.57 -12.19
C THR A 63 -3.96 2.33 -12.92
N SER A 64 -4.20 1.17 -12.31
CA SER A 64 -4.06 -0.11 -13.00
C SER A 64 -5.16 -1.01 -12.46
N GLY A 65 -6.15 -1.33 -13.28
CA GLY A 65 -7.31 -2.05 -12.75
C GLY A 65 -8.00 -1.17 -11.72
N ASP A 66 -8.24 -1.71 -10.53
CA ASP A 66 -8.78 -0.93 -9.43
C ASP A 66 -7.73 -0.24 -8.57
N LEU A 67 -6.45 -0.44 -8.86
CA LEU A 67 -5.40 0.16 -8.04
C LEU A 67 -5.24 1.62 -8.41
N ARG A 68 -5.23 2.49 -7.39
CA ARG A 68 -5.15 3.93 -7.56
C ARG A 68 -3.98 4.45 -6.72
N PHE A 69 -2.94 4.95 -7.39
CA PHE A 69 -1.80 5.63 -6.76
C PHE A 69 -1.90 7.12 -7.06
N LEU A 70 -1.93 7.95 -6.00
CA LEU A 70 -1.99 9.40 -6.10
C LEU A 70 -0.67 10.00 -5.63
N PHE A 71 -0.12 10.93 -6.40
CA PHE A 71 1.17 11.56 -6.09
C PHE A 71 0.93 13.05 -5.96
N THR A 72 1.26 13.61 -4.80
CA THR A 72 0.95 15.00 -4.52
C THR A 72 2.17 15.71 -3.99
N ALA A 73 2.37 16.95 -4.43
CA ALA A 73 3.46 17.83 -3.99
C ALA A 73 2.94 19.25 -3.86
N PRO A 74 3.53 20.05 -2.96
CA PRO A 74 3.07 21.44 -2.80
C PRO A 74 3.70 22.35 -3.83
N TYR A 75 2.93 23.35 -4.30
CA TYR A 75 3.48 24.51 -5.00
C TYR A 75 3.98 25.53 -3.97
N SER A 76 4.60 26.59 -4.47
CA SER A 76 4.97 27.70 -3.60
C SER A 76 3.72 28.22 -2.90
N PRO A 77 3.75 28.38 -1.57
CA PRO A 77 2.60 28.98 -0.88
C PRO A 77 2.23 30.35 -1.41
N SER A 78 3.16 31.06 -2.07
CA SER A 78 2.83 32.40 -2.58
C SER A 78 1.74 32.35 -3.65
N LEU A 79 1.64 31.24 -4.38
CA LEU A 79 0.62 31.16 -5.42
C LEU A 79 -0.79 31.26 -4.85
N SER A 80 -0.98 30.86 -3.59
CA SER A 80 -2.30 30.79 -2.99
C SER A 80 -2.38 31.63 -1.71
N ALA A 81 -1.46 32.58 -1.54
CA ALA A 81 -1.37 33.33 -0.29
C ALA A 81 -2.62 34.19 -0.04
N GLY A 82 -3.39 34.50 -1.08
CA GLY A 82 -4.63 35.24 -0.93
C GLY A 82 -5.83 34.40 -0.57
N GLU A 83 -5.70 33.08 -0.65
CA GLU A 83 -6.84 32.20 -0.39
C GLU A 83 -7.02 31.97 1.11
N ILE A 84 -8.25 31.62 1.48
CA ILE A 84 -8.53 31.02 2.78
C ILE A 84 -9.25 29.71 2.52
N LYS A 85 -9.39 28.89 3.56
CA LYS A 85 -10.03 27.59 3.37
C LYS A 85 -11.38 27.72 2.67
N PRO A 86 -12.25 28.66 3.01
CA PRO A 86 -13.48 28.83 2.23
C PRO A 86 -13.26 29.17 0.75
N THR A 87 -12.14 29.79 0.39
CA THR A 87 -11.86 30.16 -1.00
C THR A 87 -10.77 29.30 -1.63
N THR A 88 -10.49 28.13 -1.05
CA THR A 88 -9.32 27.37 -1.51
C THR A 88 -9.51 26.82 -2.92
N THR A 89 -8.42 26.76 -3.68
CA THR A 89 -8.41 26.07 -4.97
C THR A 89 -7.85 24.65 -4.87
N ALA A 90 -7.42 24.22 -3.68
CA ALA A 90 -7.02 22.83 -3.50
C ALA A 90 -8.18 21.89 -3.80
N SER A 91 -7.89 20.79 -4.49
CA SER A 91 -8.90 19.76 -4.68
C SER A 91 -8.96 18.77 -3.52
N ILE A 92 -7.91 18.72 -2.71
CA ILE A 92 -7.92 17.89 -1.50
C ILE A 92 -7.86 18.81 -0.29
N PRO A 93 -9.02 19.15 0.30
CA PRO A 93 -9.04 20.20 1.34
C PRO A 93 -8.24 19.86 2.58
N SER A 94 -7.96 18.57 2.84
CA SER A 94 -7.06 18.24 3.94
C SER A 94 -5.61 18.66 3.69
N PHE A 95 -5.24 18.98 2.45
CA PHE A 95 -3.84 19.31 2.17
C PHE A 95 -3.38 20.55 2.92
N ASP A 96 -2.14 20.49 3.40
CA ASP A 96 -1.50 21.62 4.06
C ASP A 96 -0.05 21.71 3.63
N HIS A 97 0.38 22.88 3.11
CA HIS A 97 1.76 23.07 2.68
C HIS A 97 2.74 22.68 3.77
N GLY A 98 2.57 23.24 4.96
CA GLY A 98 3.50 22.96 6.04
C GLY A 98 3.54 21.49 6.41
N SER A 99 2.38 20.84 6.52
CA SER A 99 2.32 19.41 6.81
C SER A 99 3.06 18.62 5.74
N CYS A 100 2.83 18.94 4.47
CA CYS A 100 3.45 18.19 3.38
C CYS A 100 4.96 18.36 3.39
N ARG A 101 5.43 19.59 3.49
CA ARG A 101 6.87 19.81 3.51
C ARG A 101 7.51 19.14 4.71
N SER A 102 6.86 19.20 5.87
CA SER A 102 7.40 18.56 7.07
C SER A 102 7.41 17.05 6.92
N PHE A 103 6.34 16.47 6.35
CA PHE A 103 6.31 15.03 6.09
C PHE A 103 7.48 14.60 5.22
N PHE A 104 7.67 15.26 4.06
CA PHE A 104 8.68 14.81 3.09
C PHE A 104 10.10 15.04 3.62
N SER A 105 10.32 16.17 4.30
CA SER A 105 11.66 16.39 4.85
C SER A 105 11.95 15.44 5.99
N SER A 106 10.93 15.00 6.72
CA SER A 106 11.16 14.07 7.82
C SER A 106 11.30 12.62 7.33
N HIS A 107 10.45 12.19 6.41
CA HIS A 107 10.39 10.79 6.00
C HIS A 107 10.95 10.53 4.62
N GLY A 108 11.20 11.56 3.83
CA GLY A 108 11.40 11.32 2.41
C GLY A 108 10.10 10.81 1.79
N LEU A 109 10.24 10.32 0.55
CA LEU A 109 9.10 9.86 -0.22
C LEU A 109 8.38 8.72 0.49
N GLY A 110 7.07 8.87 0.67
CA GLY A 110 6.33 7.80 1.32
C GLY A 110 4.84 8.06 1.26
N VAL A 111 4.11 7.12 1.85
CA VAL A 111 2.64 7.15 1.83
C VAL A 111 2.15 8.07 2.92
N ARG A 112 1.37 9.08 2.54
CA ARG A 112 0.68 9.90 3.51
C ARG A 112 -0.67 9.34 3.90
N ALA A 113 -1.44 8.82 2.93
CA ALA A 113 -2.83 8.41 3.17
C ALA A 113 -3.08 7.02 2.62
N VAL A 114 -3.64 6.15 3.46
CA VAL A 114 -4.29 4.92 3.06
C VAL A 114 -5.78 5.22 3.04
N ALA A 115 -6.39 5.24 1.86
CA ALA A 115 -7.78 5.64 1.74
C ALA A 115 -8.65 4.42 1.51
N ILE A 116 -9.71 4.31 2.29
CA ILE A 116 -10.70 3.27 2.07
C ILE A 116 -12.04 3.93 1.76
N GLU A 117 -12.81 3.27 0.90
CA GLU A 117 -14.13 3.77 0.59
C GLU A 117 -15.09 3.22 1.63
N VAL A 118 -15.97 4.08 2.13
CA VAL A 118 -16.95 3.70 3.13
C VAL A 118 -18.32 4.16 2.66
N GLU A 119 -19.35 3.71 3.37
CA GLU A 119 -20.70 4.13 3.01
C GLU A 119 -20.92 5.60 3.31
N ASP A 120 -20.38 6.09 4.43
CA ASP A 120 -20.67 7.44 4.90
C ASP A 120 -19.42 7.94 5.64
N ALA A 121 -18.66 8.82 4.98
CA ALA A 121 -17.39 9.26 5.55
C ALA A 121 -17.59 10.13 6.79
N GLU A 122 -18.67 10.90 6.85
CA GLU A 122 -18.92 11.68 8.07
C GLU A 122 -19.22 10.75 9.24
N SER A 123 -20.08 9.75 9.01
CA SER A 123 -20.36 8.78 10.06
C SER A 123 -19.10 8.02 10.46
N ALA A 124 -18.33 7.55 9.47
CA ALA A 124 -17.09 6.82 9.78
C ALA A 124 -16.15 7.67 10.62
N PHE A 125 -16.00 8.96 10.27
CA PHE A 125 -15.17 9.85 11.06
C PHE A 125 -15.70 10.00 12.49
N SER A 126 -16.98 10.28 12.63
CA SER A 126 -17.57 10.52 13.95
C SER A 126 -17.43 9.30 14.85
N ILE A 127 -17.81 8.13 14.33
CA ILE A 127 -17.74 6.90 15.12
C ILE A 127 -16.29 6.59 15.47
N SER A 128 -15.38 6.77 14.51
CA SER A 128 -13.97 6.54 14.77
C SER A 128 -13.49 7.39 15.92
N VAL A 129 -13.74 8.69 15.85
CA VAL A 129 -13.23 9.62 16.87
C VAL A 129 -13.93 9.36 18.20
N ALA A 130 -15.22 9.01 18.15
CA ALA A 130 -15.90 8.60 19.38
C ALA A 130 -15.25 7.39 20.00
N ASN A 131 -14.49 6.62 19.21
CA ASN A 131 -13.90 5.37 19.68
C ASN A 131 -12.37 5.45 19.77
N GLY A 132 -11.83 6.66 19.97
CA GLY A 132 -10.43 6.84 20.26
C GLY A 132 -9.58 7.32 19.09
N ALA A 133 -10.12 7.39 17.88
CA ALA A 133 -9.32 7.86 16.75
C ALA A 133 -8.90 9.31 16.96
N ILE A 134 -7.66 9.62 16.61
CA ILE A 134 -7.14 10.98 16.69
C ILE A 134 -7.51 11.69 15.39
N PRO A 135 -8.35 12.73 15.43
CA PRO A 135 -8.80 13.36 14.19
C PRO A 135 -7.64 14.04 13.48
N SER A 136 -7.68 14.00 12.16
CA SER A 136 -6.66 14.65 11.34
C SER A 136 -7.25 15.69 10.40
N SER A 137 -8.38 15.38 9.79
CA SER A 137 -9.05 16.36 8.96
C SER A 137 -10.54 16.04 9.01
N PRO A 138 -11.37 17.03 9.37
CA PRO A 138 -12.80 16.75 9.59
C PRO A 138 -13.49 16.45 8.28
N PRO A 139 -14.68 15.86 8.31
CA PRO A 139 -15.36 15.55 7.05
C PRO A 139 -15.63 16.82 6.26
N ILE A 140 -15.42 16.74 4.96
CA ILE A 140 -15.65 17.86 4.06
C ILE A 140 -16.37 17.32 2.84
N VAL A 141 -17.46 17.97 2.45
CA VAL A 141 -18.23 17.55 1.29
C VAL A 141 -17.74 18.30 0.06
N LEU A 142 -17.34 17.56 -0.97
CA LEU A 142 -16.76 18.14 -2.17
C LEU A 142 -17.82 18.16 -3.27
N ASN A 143 -18.17 19.36 -3.72
CA ASN A 143 -19.15 19.55 -4.80
C ASN A 143 -20.43 18.76 -4.56
N GLU A 144 -20.84 18.69 -3.29
CA GLU A 144 -22.07 17.99 -2.88
C GLU A 144 -22.10 16.54 -3.37
N ALA A 145 -20.94 15.93 -3.64
CA ALA A 145 -20.94 14.62 -4.27
C ALA A 145 -20.08 13.60 -3.53
N VAL A 146 -18.97 14.05 -2.93
CA VAL A 146 -18.02 13.17 -2.28
C VAL A 146 -17.65 13.76 -0.93
N THR A 147 -17.57 12.90 0.08
CA THR A 147 -17.14 13.30 1.40
C THR A 147 -15.81 12.63 1.75
N ILE A 148 -14.89 13.41 2.30
CA ILE A 148 -13.57 12.93 2.67
C ILE A 148 -13.30 13.35 4.11
N ALA A 149 -12.67 12.45 4.87
CA ALA A 149 -12.33 12.69 6.26
C ALA A 149 -11.08 11.86 6.56
N GLU A 150 -10.28 12.32 7.53
CA GLU A 150 -9.02 11.67 7.84
C GLU A 150 -8.81 11.57 9.34
N VAL A 151 -8.33 10.41 9.79
CA VAL A 151 -7.88 10.20 11.16
C VAL A 151 -6.48 9.62 11.13
N LYS A 152 -5.76 9.80 12.22
CA LYS A 152 -4.40 9.27 12.30
C LYS A 152 -4.42 7.75 12.34
N LEU A 153 -3.51 7.13 11.60
CA LEU A 153 -3.33 5.69 11.58
C LEU A 153 -2.11 5.28 12.39
N TYR A 154 -0.91 5.69 11.96
CA TYR A 154 0.31 5.52 12.71
C TYR A 154 1.34 6.49 12.15
N GLY A 155 2.25 6.94 13.02
CA GLY A 155 3.21 7.96 12.63
C GLY A 155 2.50 9.15 12.01
N ASP A 156 2.93 9.57 10.82
CA ASP A 156 2.27 10.63 10.09
C ASP A 156 1.41 10.10 8.95
N VAL A 157 1.01 8.84 9.03
CA VAL A 157 0.11 8.24 8.06
C VAL A 157 -1.32 8.39 8.54
N VAL A 158 -2.22 8.75 7.64
CA VAL A 158 -3.63 8.87 7.98
C VAL A 158 -4.41 7.77 7.28
N LEU A 159 -5.48 7.35 7.93
CA LEU A 159 -6.53 6.56 7.29
C LEU A 159 -7.56 7.55 6.76
N ARG A 160 -7.78 7.52 5.46
CA ARG A 160 -8.70 8.45 4.82
C ARG A 160 -9.99 7.73 4.47
N TYR A 161 -11.12 8.30 4.90
CA TYR A 161 -12.43 7.79 4.54
C TYR A 161 -12.97 8.59 3.35
N VAL A 162 -13.41 7.87 2.32
CA VAL A 162 -14.04 8.47 1.14
C VAL A 162 -15.39 7.80 0.96
N SER A 163 -16.43 8.59 0.72
CA SER A 163 -17.75 8.04 0.40
C SER A 163 -18.37 8.86 -0.72
N TYR A 164 -19.16 8.19 -1.56
CA TYR A 164 -19.78 8.81 -2.71
C TYR A 164 -21.29 8.75 -2.59
N LYS A 165 -21.95 9.88 -2.82
CA LYS A 165 -23.39 9.88 -3.04
C LYS A 165 -23.75 8.94 -4.18
N ALA A 166 -23.21 9.21 -5.37
CA ALA A 166 -23.41 8.38 -6.54
C ALA A 166 -22.60 7.09 -6.46
N GLU A 173 -13.71 11.51 -12.39
CA GLU A 173 -14.38 10.47 -11.63
C GLU A 173 -13.76 10.33 -10.24
N PHE A 174 -12.45 10.57 -10.14
CA PHE A 174 -11.73 10.34 -8.89
C PHE A 174 -12.30 11.21 -7.77
N LEU A 175 -12.01 12.50 -7.80
CA LEU A 175 -12.57 13.47 -6.87
C LEU A 175 -12.99 14.68 -7.67
N PRO A 176 -13.93 15.47 -7.16
CA PRO A 176 -14.25 16.74 -7.83
C PRO A 176 -13.00 17.61 -7.94
N GLY A 177 -12.93 18.37 -9.03
CA GLY A 177 -11.76 19.18 -9.28
C GLY A 177 -10.63 18.46 -9.98
N PHE A 178 -10.66 17.13 -10.04
CA PHE A 178 -9.71 16.39 -10.84
C PHE A 178 -10.25 16.27 -12.26
N GLU A 179 -9.38 16.41 -13.23
CA GLU A 179 -9.76 16.29 -14.63
C GLU A 179 -9.18 15.00 -15.21
N ARG A 180 -9.99 14.30 -16.00
CA ARG A 180 -9.53 13.12 -16.71
C ARG A 180 -8.43 13.52 -17.69
N VAL A 181 -7.39 12.70 -17.76
CA VAL A 181 -6.18 13.07 -18.49
C VAL A 181 -6.38 12.77 -19.97
N GLU A 182 -6.09 13.76 -20.81
CA GLU A 182 -6.19 13.64 -22.27
C GLU A 182 -5.46 12.40 -22.75
N ASP A 183 -6.10 11.65 -23.65
CA ASP A 183 -5.60 10.33 -23.99
C ASP A 183 -4.27 10.36 -24.71
N ALA A 184 -3.94 11.45 -25.40
CA ALA A 184 -2.60 11.57 -25.97
C ALA A 184 -1.55 11.54 -24.87
N SER A 185 -1.82 12.19 -23.75
CA SER A 185 -0.93 12.14 -22.59
C SER A 185 -1.11 10.87 -21.77
N SER A 186 -2.06 10.01 -22.13
CA SER A 186 -2.41 8.83 -21.34
C SER A 186 -2.19 7.56 -22.18
N PHE A 187 -0.99 6.95 -22.05
CA PHE A 187 -0.57 5.72 -22.73
C PHE A 187 -1.04 4.50 -21.94
N PRO A 188 -1.75 3.54 -22.57
CA PRO A 188 -2.45 2.49 -21.79
C PRO A 188 -1.53 1.36 -21.35
N LEU A 189 -0.54 1.69 -20.51
CA LEU A 189 0.32 0.66 -19.96
C LEU A 189 -0.49 -0.26 -19.06
N ASP A 190 -0.07 -1.53 -18.98
CA ASP A 190 -0.74 -2.48 -18.13
C ASP A 190 0.15 -3.71 -18.04
N TYR A 191 0.73 -3.98 -16.87
CA TYR A 191 1.53 -5.18 -16.68
C TYR A 191 0.78 -6.23 -15.87
N GLY A 192 -0.53 -6.03 -15.65
CA GLY A 192 -1.35 -7.02 -14.97
C GLY A 192 -1.72 -6.69 -13.54
N ILE A 193 -1.29 -5.57 -12.99
CA ILE A 193 -1.65 -5.24 -11.61
C ILE A 193 -3.11 -4.78 -11.58
N ARG A 194 -3.84 -5.24 -10.55
CA ARG A 194 -5.28 -5.06 -10.55
C ARG A 194 -5.86 -4.40 -9.30
N ARG A 195 -5.27 -4.59 -8.12
CA ARG A 195 -5.81 -3.95 -6.92
C ARG A 195 -4.82 -4.00 -5.78
N LEU A 196 -5.07 -3.19 -4.75
CA LEU A 196 -4.28 -3.24 -3.52
C LEU A 196 -4.78 -4.36 -2.62
N ASP A 197 -3.89 -5.25 -2.23
CA ASP A 197 -4.25 -6.38 -1.40
C ASP A 197 -4.10 -6.07 0.08
N HIS A 198 -2.98 -5.44 0.46
CA HIS A 198 -2.80 -5.03 1.85
C HIS A 198 -1.77 -3.92 1.93
N ALA A 199 -1.79 -3.20 3.05
CA ALA A 199 -0.89 -2.08 3.31
C ALA A 199 -0.35 -2.23 4.72
N VAL A 200 0.97 -2.25 4.86
CA VAL A 200 1.64 -2.71 6.07
C VAL A 200 2.35 -1.53 6.75
N GLY A 201 2.13 -1.37 8.05
CA GLY A 201 2.81 -0.34 8.83
C GLY A 201 3.88 -0.90 9.74
N ASN A 202 4.95 -0.13 9.95
CA ASN A 202 5.98 -0.41 10.94
C ASN A 202 5.83 0.56 12.10
N VAL A 203 5.81 0.04 13.33
CA VAL A 203 5.71 0.87 14.52
C VAL A 203 6.73 0.42 15.56
N PRO A 204 7.05 1.27 16.53
CA PRO A 204 7.95 0.82 17.61
C PRO A 204 7.31 -0.20 18.54
N GLU A 205 6.01 -0.14 18.77
CA GLU A 205 5.33 -1.04 19.70
C GLU A 205 4.02 -1.53 19.11
N LEU A 206 3.93 -2.83 18.84
CA LEU A 206 2.78 -3.39 18.14
C LEU A 206 1.51 -3.32 18.98
N GLY A 207 1.60 -3.63 20.27
CA GLY A 207 0.44 -3.71 21.13
C GLY A 207 -0.41 -2.45 21.15
N PRO A 208 0.19 -1.33 21.54
CA PRO A 208 -0.57 -0.05 21.53
C PRO A 208 -1.06 0.37 20.14
N ALA A 209 -0.29 0.07 19.10
CA ALA A 209 -0.74 0.36 17.74
C ALA A 209 -2.00 -0.45 17.41
N LEU A 210 -1.97 -1.76 17.66
CA LEU A 210 -3.14 -2.58 17.38
C LEU A 210 -4.34 -2.14 18.20
N THR A 211 -4.12 -1.90 19.49
CA THR A 211 -5.23 -1.52 20.35
C THR A 211 -5.90 -0.25 19.85
N TYR A 212 -5.11 0.73 19.45
CA TYR A 212 -5.65 1.97 18.92
C TYR A 212 -6.46 1.73 17.65
N VAL A 213 -5.86 1.09 16.64
CA VAL A 213 -6.54 0.98 15.34
C VAL A 213 -7.76 0.08 15.44
N ALA A 214 -7.59 -1.12 16.02
CA ALA A 214 -8.77 -1.97 16.21
C ALA A 214 -9.81 -1.27 17.07
N GLY A 215 -9.35 -0.42 18.00
CA GLY A 215 -10.28 0.29 18.87
C GLY A 215 -11.23 1.19 18.12
N PHE A 216 -10.73 1.98 17.16
CA PHE A 216 -11.64 2.91 16.50
C PHE A 216 -12.28 2.36 15.22
N THR A 217 -11.74 1.29 14.64
CA THR A 217 -12.36 0.72 13.45
C THR A 217 -13.31 -0.42 13.76
N GLY A 218 -13.04 -1.20 14.80
CA GLY A 218 -13.70 -2.47 14.97
C GLY A 218 -13.15 -3.57 14.09
N PHE A 219 -12.06 -3.30 13.36
CA PHE A 219 -11.39 -4.34 12.59
C PHE A 219 -10.90 -5.42 13.53
N HIS A 220 -10.93 -6.67 13.05
CA HIS A 220 -10.60 -7.85 13.85
C HIS A 220 -9.26 -8.42 13.43
N GLN A 221 -8.67 -9.20 14.32
CA GLN A 221 -7.37 -9.81 14.04
C GLN A 221 -7.54 -10.96 13.06
N PHE A 222 -6.85 -10.88 11.93
CA PHE A 222 -6.92 -11.92 10.90
C PHE A 222 -6.01 -13.07 11.30
N ALA A 223 -6.56 -14.28 11.34
CA ALA A 223 -5.84 -15.43 11.86
C ALA A 223 -4.66 -15.79 10.97
N GLU A 224 -3.48 -15.94 11.58
CA GLU A 224 -2.26 -16.35 10.88
C GLU A 224 -2.11 -17.88 10.92
N PHE A 225 -1.08 -18.36 10.24
CA PHE A 225 -0.94 -19.76 9.77
C PHE A 225 -2.11 -20.69 10.11
N GLU A 234 13.12 -15.63 15.29
CA GLU A 234 14.13 -14.60 15.07
C GLU A 234 14.16 -14.20 13.60
N SER A 235 13.08 -13.61 13.12
CA SER A 235 13.00 -13.04 11.79
C SER A 235 12.97 -11.52 11.83
N GLY A 236 13.11 -10.92 13.02
CA GLY A 236 13.22 -9.48 13.17
C GLY A 236 11.94 -8.77 13.56
N LEU A 237 10.79 -9.44 13.52
CA LEU A 237 9.53 -8.75 13.72
C LEU A 237 8.51 -9.62 14.45
N ASN A 238 7.60 -8.94 15.13
CA ASN A 238 6.30 -9.47 15.49
C ASN A 238 5.27 -8.70 14.69
N SER A 239 4.19 -9.36 14.32
CA SER A 239 3.20 -8.71 13.47
C SER A 239 1.83 -9.27 13.78
N ALA A 240 0.82 -8.55 13.31
CA ALA A 240 -0.57 -8.96 13.40
C ALA A 240 -1.30 -8.18 12.34
N VAL A 241 -2.40 -8.76 11.86
CA VAL A 241 -3.15 -8.22 10.74
C VAL A 241 -4.55 -7.86 11.20
N LEU A 242 -4.94 -6.61 10.96
CA LEU A 242 -6.29 -6.14 11.18
C LEU A 242 -7.07 -6.19 9.88
N ALA A 243 -8.35 -6.58 9.96
CA ALA A 243 -9.16 -6.82 8.79
C ALA A 243 -10.58 -6.31 8.99
N SER A 244 -11.18 -5.83 7.91
CA SER A 244 -12.59 -5.45 7.90
C SER A 244 -13.49 -6.69 7.88
N ASN A 245 -14.81 -6.47 7.87
CA ASN A 245 -15.79 -7.55 8.01
C ASN A 245 -15.61 -8.64 6.96
N ASP A 246 -15.53 -8.27 5.68
CA ASP A 246 -15.30 -9.26 4.62
C ASP A 246 -13.81 -9.49 4.33
N GLU A 247 -12.93 -8.94 5.17
CA GLU A 247 -11.49 -9.18 5.16
C GLU A 247 -10.85 -8.82 3.81
N MET A 248 -11.40 -7.81 3.13
CA MET A 248 -10.82 -7.24 1.93
C MET A 248 -10.01 -5.98 2.20
N VAL A 249 -10.22 -5.33 3.34
CA VAL A 249 -9.33 -4.27 3.80
C VAL A 249 -8.44 -4.91 4.85
N LEU A 250 -7.14 -5.03 4.53
CA LEU A 250 -6.18 -5.78 5.33
C LEU A 250 -5.03 -4.85 5.69
N LEU A 251 -4.82 -4.64 6.99
CA LEU A 251 -3.83 -3.71 7.49
C LEU A 251 -2.89 -4.41 8.47
N PRO A 252 -1.84 -5.07 7.97
CA PRO A 252 -0.85 -5.63 8.88
C PRO A 252 0.00 -4.54 9.53
N ILE A 253 0.50 -4.83 10.73
CA ILE A 253 1.38 -3.95 11.48
C ILE A 253 2.54 -4.76 12.05
N ASN A 254 3.75 -4.23 11.93
CA ASN A 254 4.96 -4.86 12.46
C ASN A 254 5.58 -4.02 13.56
N GLU A 255 6.22 -4.70 14.50
CA GLU A 255 7.14 -4.13 15.46
C GLU A 255 8.46 -4.88 15.37
N PRO A 256 9.59 -4.25 15.70
CA PRO A 256 10.87 -4.95 15.63
C PRO A 256 11.08 -5.89 16.81
N VAL A 257 11.89 -6.92 16.58
CA VAL A 257 12.40 -7.77 17.65
C VAL A 257 13.88 -7.46 17.86
N HIS A 258 14.23 -7.00 19.06
CA HIS A 258 15.56 -6.53 19.37
C HIS A 258 16.43 -7.63 19.97
N GLY A 259 17.74 -7.36 19.99
CA GLY A 259 18.72 -8.28 20.53
C GLY A 259 19.19 -9.35 19.58
N THR A 260 18.53 -9.52 18.44
CA THR A 260 18.88 -10.58 17.51
C THR A 260 20.30 -10.41 16.98
N LYS A 261 20.85 -11.51 16.45
CA LYS A 261 22.17 -11.45 15.81
C LYS A 261 22.15 -10.52 14.61
N ARG A 262 21.17 -10.70 13.72
CA ARG A 262 20.97 -9.81 12.58
C ARG A 262 20.04 -8.67 12.97
N LYS A 263 20.41 -7.44 12.59
CA LYS A 263 19.61 -6.28 12.96
C LYS A 263 18.24 -6.32 12.29
N SER A 264 17.22 -6.02 13.07
CA SER A 264 15.84 -6.06 12.56
C SER A 264 15.62 -5.03 11.46
N GLN A 265 15.11 -5.48 10.33
CA GLN A 265 14.77 -4.55 9.26
C GLN A 265 13.68 -3.58 9.69
N ILE A 266 12.84 -3.95 10.66
CA ILE A 266 11.86 -3.02 11.18
C ILE A 266 12.54 -1.88 11.91
N GLN A 267 13.60 -2.19 12.66
CA GLN A 267 14.34 -1.14 13.35
C GLN A 267 15.08 -0.24 12.37
N THR A 268 15.66 -0.83 11.31
CA THR A 268 16.27 -0.01 10.27
C THR A 268 15.25 0.93 9.64
N TYR A 269 14.05 0.43 9.36
CA TYR A 269 12.98 1.29 8.85
C TYR A 269 12.73 2.47 9.78
N LEU A 270 12.48 2.20 11.06
CA LEU A 270 12.16 3.26 12.01
C LEU A 270 13.27 4.31 12.08
N GLU A 271 14.53 3.87 12.01
CA GLU A 271 15.64 4.81 12.08
C GLU A 271 15.70 5.69 10.85
N HIS A 272 15.64 5.10 9.67
CA HIS A 272 15.77 5.87 8.43
C HIS A 272 14.50 6.63 8.07
N ASN A 273 13.35 6.18 8.55
CA ASN A 273 12.08 6.88 8.31
C ASN A 273 11.79 7.97 9.34
N GLU A 274 12.62 8.09 10.38
CA GLU A 274 12.32 8.92 11.53
C GLU A 274 10.98 8.53 12.15
N GLY A 275 10.81 7.23 12.43
CA GLY A 275 9.67 6.78 13.20
C GLY A 275 8.70 5.97 12.37
N ALA A 276 7.51 5.76 12.95
CA ALA A 276 6.54 4.86 12.35
C ALA A 276 6.10 5.35 10.99
N GLY A 277 5.64 4.41 10.17
CA GLY A 277 5.11 4.73 8.86
C GLY A 277 4.79 3.47 8.08
N LEU A 278 4.37 3.69 6.84
CA LEU A 278 3.98 2.59 5.97
C LEU A 278 5.23 1.89 5.44
N GLN A 279 5.30 0.57 5.65
CA GLN A 279 6.44 -0.21 5.17
C GLN A 279 6.26 -0.71 3.74
N HIS A 280 5.18 -1.44 3.45
CA HIS A 280 5.04 -1.88 2.07
C HIS A 280 3.58 -1.93 1.64
N LEU A 281 3.41 -1.82 0.33
CA LEU A 281 2.12 -1.99 -0.32
C LEU A 281 2.17 -3.28 -1.12
N ALA A 282 1.18 -4.15 -0.93
CA ALA A 282 1.10 -5.40 -1.67
C ALA A 282 0.05 -5.25 -2.76
N LEU A 283 0.47 -5.41 -4.01
CA LEU A 283 -0.36 -5.18 -5.18
C LEU A 283 -0.68 -6.54 -5.80
N MET A 284 -1.97 -6.84 -5.92
CA MET A 284 -2.40 -8.10 -6.51
C MET A 284 -2.27 -8.04 -8.04
N SER A 285 -1.66 -9.07 -8.61
CA SER A 285 -1.60 -9.24 -10.06
C SER A 285 -2.55 -10.35 -10.47
N GLU A 286 -3.26 -10.15 -11.60
CA GLU A 286 -4.00 -11.23 -12.22
C GLU A 286 -3.11 -12.18 -13.00
N ASP A 287 -1.81 -11.88 -13.11
CA ASP A 287 -0.86 -12.77 -13.79
C ASP A 287 0.53 -12.37 -13.33
N ILE A 288 0.97 -12.94 -12.21
CA ILE A 288 2.20 -12.48 -11.59
C ILE A 288 3.39 -12.75 -12.49
N PHE A 289 3.31 -13.80 -13.31
CA PHE A 289 4.41 -14.09 -14.22
C PHE A 289 4.56 -12.98 -15.26
N ARG A 290 3.44 -12.54 -15.85
CA ARG A 290 3.52 -11.43 -16.79
C ARG A 290 3.99 -10.15 -16.09
N THR A 291 3.42 -9.85 -14.92
CA THR A 291 3.82 -8.64 -14.21
C THR A 291 5.32 -8.61 -13.97
N LEU A 292 5.87 -9.71 -13.47
CA LEU A 292 7.28 -9.72 -13.10
C LEU A 292 8.18 -9.71 -14.33
N ARG A 293 7.77 -10.40 -15.40
CA ARG A 293 8.53 -10.28 -16.64
C ARG A 293 8.58 -8.82 -17.10
N GLU A 294 7.42 -8.16 -17.11
CA GLU A 294 7.38 -6.78 -17.58
C GLU A 294 8.14 -5.84 -16.64
N MET A 295 7.98 -6.01 -15.32
CA MET A 295 8.69 -5.12 -14.41
C MET A 295 10.21 -5.34 -14.48
N ARG A 296 10.65 -6.61 -14.57
CA ARG A 296 12.08 -6.89 -14.58
C ARG A 296 12.75 -6.40 -15.86
N LYS A 297 12.02 -6.39 -16.97
CA LYS A 297 12.53 -5.79 -18.21
C LYS A 297 12.89 -4.33 -18.04
N ARG A 298 12.22 -3.64 -17.12
CA ARG A 298 12.36 -2.20 -16.97
C ARG A 298 13.17 -1.80 -15.75
N SER A 299 13.68 -2.77 -14.98
CA SER A 299 14.39 -2.47 -13.74
C SER A 299 15.53 -1.49 -13.95
N SER A 300 16.30 -1.68 -15.01
CA SER A 300 17.49 -0.89 -15.23
C SER A 300 17.27 0.25 -16.21
N ILE A 301 16.03 0.44 -16.68
CA ILE A 301 15.72 1.56 -17.56
C ILE A 301 14.57 2.39 -16.99
N GLY A 302 14.64 2.66 -15.68
CA GLY A 302 13.76 3.62 -15.03
C GLY A 302 12.76 3.00 -14.10
N GLY A 303 12.64 1.67 -14.09
CA GLY A 303 11.65 1.02 -13.24
C GLY A 303 12.15 0.66 -11.85
N PHE A 304 11.70 -0.49 -11.36
CA PHE A 304 11.97 -0.93 -10.01
C PHE A 304 12.88 -2.15 -10.01
N ASP A 305 13.76 -2.21 -9.03
CA ASP A 305 14.63 -3.35 -8.76
C ASP A 305 13.94 -4.31 -7.80
N PHE A 306 14.36 -5.57 -7.86
CA PHE A 306 13.81 -6.60 -6.99
C PHE A 306 14.88 -7.09 -6.03
N MET A 307 14.44 -7.56 -4.86
CA MET A 307 15.36 -8.11 -3.89
C MET A 307 16.12 -9.29 -4.51
N PRO A 308 17.29 -9.63 -3.99
CA PRO A 308 18.05 -10.75 -4.57
C PRO A 308 17.25 -12.05 -4.48
N SER A 309 17.35 -12.86 -5.54
CA SER A 309 16.49 -14.03 -5.67
C SER A 309 16.88 -15.11 -4.65
N PRO A 310 15.97 -16.02 -4.34
CA PRO A 310 16.34 -17.15 -3.47
C PRO A 310 17.27 -18.09 -4.21
N PRO A 311 18.07 -18.86 -3.49
CA PRO A 311 18.95 -19.84 -4.14
C PRO A 311 18.13 -20.96 -4.77
N PRO A 312 18.70 -21.70 -5.73
CA PRO A 312 17.93 -22.78 -6.38
C PRO A 312 17.46 -23.86 -5.41
N THR A 313 18.09 -24.00 -4.25
CA THR A 313 17.59 -24.90 -3.22
C THR A 313 16.14 -24.59 -2.88
N TYR A 314 15.81 -23.29 -2.72
CA TYR A 314 14.43 -22.88 -2.47
C TYR A 314 13.48 -23.46 -3.51
N TYR A 315 13.88 -23.43 -4.78
CA TYR A 315 12.98 -23.91 -5.81
C TYR A 315 12.98 -25.42 -5.90
N GLN A 316 14.09 -26.07 -5.55
CA GLN A 316 14.08 -27.53 -5.40
C GLN A 316 13.09 -27.95 -4.32
N ASN A 317 13.07 -27.24 -3.18
CA ASN A 317 12.15 -27.57 -2.10
C ASN A 317 10.71 -27.17 -2.39
N LEU A 318 10.44 -26.52 -3.52
CA LEU A 318 9.06 -26.12 -3.83
C LEU A 318 8.21 -27.30 -4.28
N LYS A 319 8.82 -28.34 -4.86
CA LYS A 319 8.06 -29.51 -5.26
C LYS A 319 7.35 -30.14 -4.06
N LYS A 320 8.08 -30.31 -2.96
CA LYS A 320 7.52 -30.96 -1.78
C LYS A 320 6.43 -30.12 -1.10
N ARG A 321 6.39 -28.81 -1.34
CA ARG A 321 5.44 -27.97 -0.63
C ARG A 321 4.24 -27.55 -1.45
N VAL A 322 4.39 -27.38 -2.77
CA VAL A 322 3.28 -26.89 -3.60
C VAL A 322 3.23 -27.64 -4.92
N GLY A 323 3.86 -28.82 -4.97
CA GLY A 323 3.84 -29.65 -6.17
C GLY A 323 2.46 -30.07 -6.63
N ASP A 324 1.46 -30.02 -5.74
CA ASP A 324 0.08 -30.27 -6.10
C ASP A 324 -0.63 -29.03 -6.65
N VAL A 325 -0.02 -27.86 -6.56
CA VAL A 325 -0.64 -26.60 -6.96
C VAL A 325 0.03 -26.03 -8.21
N LEU A 326 1.35 -26.12 -8.29
CA LEU A 326 2.08 -25.63 -9.44
C LEU A 326 2.75 -26.78 -10.17
N SER A 327 2.67 -26.76 -11.50
CA SER A 327 3.38 -27.75 -12.30
C SER A 327 4.88 -27.53 -12.18
N ASP A 328 5.64 -28.49 -12.70
CA ASP A 328 7.09 -28.33 -12.75
C ASP A 328 7.48 -27.11 -13.58
N ASP A 329 6.80 -26.89 -14.71
CA ASP A 329 7.08 -25.72 -15.53
C ASP A 329 6.72 -24.43 -14.81
N GLN A 330 5.56 -24.41 -14.14
CA GLN A 330 5.16 -23.23 -13.37
C GLN A 330 6.15 -22.94 -12.24
N ILE A 331 6.68 -24.00 -11.62
CA ILE A 331 7.75 -23.82 -10.64
C ILE A 331 9.00 -23.28 -11.30
N LYS A 332 9.35 -23.82 -12.48
CA LYS A 332 10.48 -23.29 -13.25
C LYS A 332 10.26 -21.81 -13.55
N GLU A 333 9.04 -21.43 -13.93
CA GLU A 333 8.76 -20.02 -14.21
C GLU A 333 8.92 -19.15 -12.96
N CYS A 334 8.60 -19.69 -11.78
CA CYS A 334 8.87 -18.96 -10.54
C CYS A 334 10.36 -18.76 -10.35
N GLU A 335 11.17 -19.79 -10.64
CA GLU A 335 12.61 -19.68 -10.42
C GLU A 335 13.25 -18.64 -11.33
N GLU A 336 12.81 -18.58 -12.59
CA GLU A 336 13.38 -17.59 -13.50
C GLU A 336 13.14 -16.17 -12.97
N LEU A 337 11.99 -15.95 -12.36
CA LEU A 337 11.57 -14.60 -11.97
C LEU A 337 11.86 -14.27 -10.51
N GLY A 338 12.37 -15.21 -9.73
CA GLY A 338 12.62 -14.95 -8.33
C GLY A 338 11.39 -14.96 -7.45
N ILE A 339 10.27 -15.46 -7.95
CA ILE A 339 9.03 -15.46 -7.17
C ILE A 339 9.14 -16.40 -5.97
N LEU A 340 8.56 -15.99 -4.84
CA LEU A 340 8.44 -16.80 -3.64
C LEU A 340 7.05 -17.39 -3.56
N VAL A 341 6.94 -18.52 -2.85
CA VAL A 341 5.67 -19.23 -2.70
C VAL A 341 5.47 -19.59 -1.23
N ASP A 342 4.25 -19.39 -0.74
CA ASP A 342 3.86 -19.88 0.58
C ASP A 342 2.45 -20.43 0.49
N ARG A 343 2.05 -21.14 1.55
CA ARG A 343 0.78 -21.85 1.55
C ARG A 343 0.15 -21.79 2.94
N ASP A 344 -1.17 -21.65 2.96
CA ASP A 344 -2.01 -21.73 4.14
C ASP A 344 -2.58 -23.14 4.27
N ASP A 345 -3.58 -23.28 5.15
CA ASP A 345 -4.48 -24.43 5.12
C ASP A 345 -5.60 -24.25 4.10
N GLN A 346 -5.76 -23.04 3.54
CA GLN A 346 -6.83 -22.75 2.61
C GLN A 346 -6.36 -22.33 1.22
N GLY A 347 -5.19 -21.69 1.10
CA GLY A 347 -4.75 -21.23 -0.20
C GLY A 347 -3.25 -21.20 -0.37
N THR A 348 -2.83 -20.86 -1.59
CA THR A 348 -1.42 -20.72 -1.95
C THR A 348 -1.15 -19.27 -2.35
N LEU A 349 0.03 -18.78 -1.99
CA LEU A 349 0.41 -17.40 -2.25
C LEU A 349 1.69 -17.36 -3.06
N LEU A 350 1.71 -16.57 -4.14
CA LEU A 350 2.92 -16.23 -4.88
C LEU A 350 3.27 -14.76 -4.62
N GLN A 351 4.51 -14.50 -4.21
CA GLN A 351 4.89 -13.13 -3.86
C GLN A 351 6.33 -12.83 -4.26
N ILE A 352 6.63 -11.53 -4.39
CA ILE A 352 7.99 -11.06 -4.57
C ILE A 352 8.05 -9.60 -4.10
N PHE A 353 9.24 -9.16 -3.71
CA PHE A 353 9.45 -7.85 -3.11
C PHE A 353 10.44 -7.02 -3.90
N THR A 354 10.09 -5.75 -4.11
CA THR A 354 11.02 -4.81 -4.71
C THR A 354 12.03 -4.35 -3.68
N LYS A 355 13.14 -3.81 -4.19
CA LYS A 355 14.01 -2.97 -3.39
C LYS A 355 13.24 -1.71 -3.02
N PRO A 356 13.74 -0.92 -2.06
CA PRO A 356 13.03 0.31 -1.67
C PRO A 356 12.72 1.21 -2.87
N LEU A 357 11.57 1.89 -2.80
CA LEU A 357 11.08 2.68 -3.91
C LEU A 357 11.86 3.98 -4.11
N GLY A 358 12.57 4.44 -3.09
CA GLY A 358 13.24 5.73 -3.16
C GLY A 358 14.60 5.68 -2.49
N ASP A 359 15.12 6.85 -2.09
CA ASP A 359 16.47 6.92 -1.54
C ASP A 359 16.62 6.10 -0.26
N ARG A 360 15.58 6.09 0.59
CA ARG A 360 15.82 5.51 1.92
C ARG A 360 15.40 4.05 1.97
N PRO A 361 16.05 3.23 2.83
CA PRO A 361 15.61 1.82 2.98
C PRO A 361 14.35 1.74 3.83
N THR A 362 13.24 2.21 3.26
CA THR A 362 11.99 2.32 4.02
C THR A 362 10.88 1.61 3.25
N ILE A 363 10.13 2.33 2.44
CA ILE A 363 8.97 1.75 1.76
C ILE A 363 9.42 0.91 0.57
N PHE A 364 8.76 -0.23 0.38
CA PHE A 364 8.93 -1.03 -0.83
C PHE A 364 7.56 -1.55 -1.26
N ILE A 365 7.56 -2.32 -2.34
CA ILE A 365 6.33 -2.85 -2.92
C ILE A 365 6.44 -4.36 -2.95
N GLU A 366 5.32 -5.03 -2.73
CA GLU A 366 5.18 -6.46 -2.87
C GLU A 366 4.21 -6.72 -4.02
N ILE A 367 4.55 -7.65 -4.91
CA ILE A 367 3.60 -8.11 -5.91
C ILE A 367 3.12 -9.48 -5.46
N ILE A 368 1.82 -9.73 -5.56
CA ILE A 368 1.30 -11.00 -5.09
C ILE A 368 0.22 -11.52 -6.02
N GLN A 369 0.04 -12.83 -6.00
CA GLN A 369 -1.12 -13.47 -6.59
C GLN A 369 -1.55 -14.63 -5.70
N ARG A 370 -2.85 -14.75 -5.47
CA ARG A 370 -3.41 -15.73 -4.57
C ARG A 370 -4.17 -16.80 -5.33
N VAL A 371 -3.99 -18.05 -4.92
CA VAL A 371 -4.61 -19.21 -5.58
C VAL A 371 -5.41 -19.96 -4.51
N GLY A 372 -6.73 -20.02 -4.70
CA GLY A 372 -7.61 -20.81 -3.86
C GLY A 372 -8.77 -19.98 -3.31
N CYS A 373 -9.37 -20.50 -2.23
CA CYS A 373 -10.43 -19.84 -1.48
C CYS A 373 -11.47 -19.19 -2.39
N MET A 374 -11.96 -19.97 -3.34
CA MET A 374 -13.05 -19.53 -4.20
C MET A 374 -14.39 -19.82 -3.53
N MET A 375 -15.29 -18.85 -3.57
CA MET A 375 -16.63 -19.00 -3.03
C MET A 375 -17.63 -18.71 -4.14
N TYR A 383 -15.92 -15.37 -6.72
CA TYR A 383 -15.09 -14.45 -5.92
C TYR A 383 -14.06 -15.20 -5.10
N GLN A 384 -12.93 -14.54 -4.84
CA GLN A 384 -11.90 -15.07 -3.96
C GLN A 384 -11.95 -14.36 -2.61
N SER A 385 -11.91 -15.13 -1.54
CA SER A 385 -11.96 -14.54 -0.20
C SER A 385 -10.65 -13.82 0.12
N GLY A 386 -10.76 -12.75 0.90
CA GLY A 386 -9.60 -11.93 1.19
C GLY A 386 -8.55 -12.69 2.00
N GLY A 387 -7.29 -12.39 1.70
CA GLY A 387 -6.18 -12.99 2.43
C GLY A 387 -5.95 -14.46 2.16
N CYS A 388 -6.57 -15.01 1.12
CA CYS A 388 -6.37 -16.41 0.75
C CYS A 388 -4.90 -16.79 0.64
N GLY A 389 -4.42 -17.63 1.55
CA GLY A 389 -3.04 -18.07 1.55
C GLY A 389 -2.17 -17.42 2.59
N GLY A 390 -2.67 -16.38 3.26
CA GLY A 390 -1.90 -15.69 4.27
C GLY A 390 -1.05 -14.58 3.70
N PHE A 391 0.09 -14.30 4.34
CA PHE A 391 0.95 -13.20 3.93
C PHE A 391 2.39 -13.65 3.73
N GLY A 392 2.64 -14.96 3.76
CA GLY A 392 3.96 -15.48 3.46
C GLY A 392 4.90 -15.54 4.65
N LYS A 393 4.35 -15.56 5.88
CA LYS A 393 5.20 -15.59 7.06
C LYS A 393 6.15 -16.79 7.05
N GLY A 394 5.72 -17.91 6.46
CA GLY A 394 6.58 -19.08 6.38
C GLY A 394 7.78 -18.89 5.49
N ASN A 395 7.75 -17.90 4.60
CA ASN A 395 8.88 -17.71 3.70
C ASN A 395 10.10 -17.16 4.42
N PHE A 396 9.94 -16.63 5.63
CA PHE A 396 11.10 -16.29 6.44
C PHE A 396 11.90 -17.54 6.79
N SER A 397 11.26 -18.48 7.49
CA SER A 397 11.84 -19.78 7.79
C SER A 397 12.41 -20.45 6.56
N GLU A 398 11.62 -20.50 5.49
CA GLU A 398 12.04 -21.24 4.29
C GLU A 398 13.22 -20.57 3.60
N LEU A 399 13.30 -19.24 3.64
CA LEU A 399 14.45 -18.56 3.07
C LEU A 399 15.72 -18.92 3.82
N PHE A 400 15.66 -18.91 5.15
CA PHE A 400 16.80 -19.30 5.97
C PHE A 400 17.26 -20.71 5.62
N LYS A 401 16.33 -21.68 5.67
CA LYS A 401 16.67 -23.07 5.36
C LYS A 401 17.31 -23.18 3.99
N SER A 402 16.66 -22.61 2.97
CA SER A 402 17.17 -22.72 1.61
C SER A 402 18.56 -22.12 1.46
N ILE A 403 18.79 -20.97 2.10
CA ILE A 403 20.09 -20.30 2.00
C ILE A 403 21.18 -21.20 2.57
N GLU A 404 20.98 -21.70 3.79
CA GLU A 404 21.96 -22.59 4.41
C GLU A 404 22.13 -23.88 3.60
N GLU A 405 21.03 -24.43 3.07
CA GLU A 405 21.11 -25.62 2.23
C GLU A 405 22.00 -25.38 1.01
N TYR A 406 21.81 -24.23 0.35
CA TYR A 406 22.59 -23.93 -0.85
C TYR A 406 24.07 -23.84 -0.54
N GLU A 407 24.42 -23.24 0.60
CA GLU A 407 25.82 -23.10 0.99
C GLU A 407 26.53 -24.46 1.01
N LYS A 408 25.95 -25.41 1.73
CA LYS A 408 26.52 -26.75 1.81
C LYS A 408 25.77 -27.71 0.87
CO CO B . 2.97 -8.46 2.54
C10 O6R C . 7.97 -8.47 3.42
N12 O6R C . 11.43 -12.80 3.20
C15 O6R C . 13.08 -11.02 2.90
C17 O6R C . 3.17 -9.42 5.39
C20 O6R C . 4.77 -10.69 6.26
C22 O6R C . 1.61 -9.43 7.33
C24 O6R C . 14.08 -10.02 5.13
C26 O6R C . 15.13 -7.60 5.11
C28 O6R C . 14.09 -8.63 2.91
C1 O6R C . 4.38 -9.97 5.13
C2 O6R C . 5.19 -9.85 3.80
C3 O6R C . 6.48 -10.66 3.69
C5 O6R C . 6.31 -12.17 3.78
C6 O6R C . 7.55 -13.07 3.67
C7 O6R C . 8.98 -12.41 3.47
C8 O6R C . 9.17 -10.96 3.38
C9 O6R C . 7.88 -10.00 3.50
C14 O6R C . 10.60 -10.42 3.18
C23 O6R C . 13.73 -9.88 3.67
C25 O6R C . 14.80 -8.84 5.86
C27 O6R C . 14.78 -7.48 3.61
F29 O6R C . 15.79 -6.51 5.75
N11 O6R C . 10.05 -13.32 3.39
N13 O6R C . 11.68 -11.37 3.11
N18 O6R C . 2.81 -9.78 6.65
N19 O6R C . 3.82 -10.57 7.18
O4 O6R C . 4.80 -9.24 2.89
O16 O6R C . 10.82 -9.29 3.11
O21 O6R C . 2.38 -8.59 4.44
#